data_6DU4
#
_entry.id   6DU4
#
_cell.length_a   74.979
_cell.length_b   74.979
_cell.length_c   93.213
_cell.angle_alpha   90.00
_cell.angle_beta   90.00
_cell.angle_gamma   90.00
#
_symmetry.space_group_name_H-M   'P 43'
#
loop_
_entity.id
_entity.type
_entity.pdbx_description
1 polymer 'U6 small nuclear RNA (adenine-(43)-N(6))-methyltransferase'
2 polymer 'hp1x-RNA (29-MER)'
3 non-polymer GLYCEROL
4 non-polymer 2-AMINO-2-HYDROXYMETHYL-PROPANE-1,3-DIOL
5 water water
#
loop_
_entity_poly.entity_id
_entity_poly.type
_entity_poly.pdbx_seq_one_letter_code
_entity_poly.pdbx_strand_id
1 'polypeptide(L)'
;GSGMALSKSMHARNRYKDKPPDFAYLASKYPDFKQHVQINLNGRVSLNFKDPEAVRALTCTLLREDFGLSIDIPLERLIP
TVPLRLNYIHWVEDLIGHQDSDKSTLRRGIDIGTGASCIYPLLGATLNGWYFLATEVDDMCFNYAKKNVEQNNLSDLIKV
VKVPQKTLLMDALKEESEIIYDFCMCNPPFFANQLEAKGVNSRNPRRPPPSSVNTGGITEIMAEGGELEFVKRIIHDSLQ
LKKRLRWYSCMLGKKCSLAPLKEELRIQGVPKVTYTEFCQGRTMRWALAWSFYDDVTVPSPPSKRRKLEKPRK
;
A
2 'polyribonucleotide' GGUUGGCGUAGGCUACAGAGAAGCCAACC B
#
# COMPACT_ATOMS: atom_id res chain seq x y z
N LYS A 8 19.94 2.78 5.84
CA LYS A 8 18.72 2.74 5.05
C LYS A 8 17.98 4.06 5.15
N SER A 9 17.29 4.43 4.07
CA SER A 9 16.56 5.69 4.00
CA SER A 9 16.57 5.69 3.98
C SER A 9 15.25 5.47 3.27
N MET A 10 14.27 6.32 3.56
CA MET A 10 13.08 6.36 2.73
C MET A 10 13.46 6.75 1.30
N HIS A 11 12.49 6.62 0.39
CA HIS A 11 12.70 7.04 -0.98
C HIS A 11 13.16 8.50 -1.02
N ALA A 12 14.06 8.81 -1.98
CA ALA A 12 14.66 10.13 -2.05
C ALA A 12 13.63 11.27 -2.13
N ARG A 13 12.45 11.03 -2.70
CA ARG A 13 11.44 12.06 -2.84
C ARG A 13 10.37 12.01 -1.76
N ASN A 14 10.48 11.09 -0.81
CA ASN A 14 9.48 10.94 0.25
C ASN A 14 9.56 12.17 1.18
N ARG A 15 8.43 12.86 1.36
CA ARG A 15 8.49 14.10 2.14
C ARG A 15 8.83 13.87 3.60
N TYR A 16 8.75 12.64 4.10
CA TYR A 16 9.11 12.35 5.48
C TYR A 16 10.57 11.91 5.63
N LYS A 17 11.32 11.85 4.55
CA LYS A 17 12.72 11.46 4.65
C LYS A 17 13.47 12.51 5.46
N ASP A 18 14.07 12.10 6.57
CA ASP A 18 14.78 12.99 7.47
C ASP A 18 13.89 14.08 8.08
N LYS A 19 12.57 13.97 7.93
CA LYS A 19 11.62 14.96 8.43
C LYS A 19 10.44 14.26 9.08
N PRO A 20 10.65 13.64 10.24
CA PRO A 20 9.53 12.97 10.92
C PRO A 20 8.52 14.00 11.40
N PRO A 21 7.24 13.63 11.45
CA PRO A 21 6.24 14.56 11.95
C PRO A 21 6.49 14.97 13.39
N ASP A 22 6.12 16.20 13.72
CA ASP A 22 6.25 16.73 15.08
C ASP A 22 4.91 16.52 15.77
N PHE A 23 4.82 15.49 16.63
CA PHE A 23 3.54 15.17 17.27
C PHE A 23 3.06 16.30 18.17
N ALA A 24 3.98 17.03 18.82
CA ALA A 24 3.54 18.13 19.68
C ALA A 24 2.90 19.23 18.86
N TYR A 25 3.48 19.53 17.70
CA TYR A 25 2.87 20.52 16.80
C TYR A 25 1.51 20.06 16.33
N LEU A 26 1.40 18.79 15.89
CA LEU A 26 0.11 18.28 15.44
C LEU A 26 -0.93 18.32 16.56
N ALA A 27 -0.54 17.97 17.78
CA ALA A 27 -1.51 17.98 18.88
C ALA A 27 -2.00 19.38 19.19
N SER A 28 -1.13 20.38 19.05
CA SER A 28 -1.57 21.74 19.36
C SER A 28 -2.48 22.29 18.26
N LYS A 29 -2.34 21.79 17.03
CA LYS A 29 -3.13 22.29 15.92
C LYS A 29 -4.42 21.50 15.70
N TYR A 30 -4.44 20.23 16.07
CA TYR A 30 -5.55 19.30 15.78
C TYR A 30 -6.08 18.70 17.07
N PRO A 31 -7.17 19.24 17.63
CA PRO A 31 -7.70 18.66 18.88
C PRO A 31 -8.11 17.19 18.78
N ASP A 32 -8.53 16.71 17.62
CA ASP A 32 -8.86 15.29 17.47
C ASP A 32 -7.63 14.39 17.52
N PHE A 33 -6.45 14.91 17.18
CA PHE A 33 -5.21 14.18 17.40
C PHE A 33 -4.78 14.27 18.87
N LYS A 34 -4.87 15.47 19.46
CA LYS A 34 -4.42 15.65 20.83
C LYS A 34 -5.14 14.70 21.79
N GLN A 35 -6.39 14.36 21.47
CA GLN A 35 -7.19 13.44 22.28
C GLN A 35 -6.51 12.09 22.48
N HIS A 36 -5.63 11.69 21.57
CA HIS A 36 -5.07 10.35 21.56
C HIS A 36 -3.58 10.31 21.86
N VAL A 37 -2.97 11.42 22.25
CA VAL A 37 -1.54 11.42 22.51
C VAL A 37 -1.27 11.09 23.98
N GLN A 38 -0.05 10.67 24.25
CA GLN A 38 0.46 10.48 25.60
C GLN A 38 1.67 11.38 25.80
N ILE A 39 2.00 11.64 27.07
CA ILE A 39 3.19 12.41 27.42
C ILE A 39 4.16 11.43 28.07
N ASN A 40 5.32 11.21 27.43
CA ASN A 40 6.26 10.24 27.99
C ASN A 40 7.00 10.87 29.16
N LEU A 41 7.91 10.11 29.78
CA LEU A 41 8.58 10.59 30.98
C LEU A 41 9.61 11.67 30.70
N ASN A 42 9.99 11.89 29.44
CA ASN A 42 10.74 13.07 29.06
C ASN A 42 9.85 14.29 28.89
N GLY A 43 8.56 14.16 29.11
CA GLY A 43 7.65 15.26 28.89
C GLY A 43 7.31 15.50 27.45
N ARG A 44 7.61 14.53 26.57
CA ARG A 44 7.43 14.70 25.14
CA ARG A 44 7.44 14.69 25.13
C ARG A 44 6.14 14.05 24.67
N VAL A 45 5.42 14.74 23.78
CA VAL A 45 4.22 14.19 23.19
C VAL A 45 4.57 12.95 22.38
N SER A 46 3.88 11.85 22.67
CA SER A 46 4.19 10.54 22.11
C SER A 46 2.90 9.80 21.75
N LEU A 47 3.05 8.67 21.06
CA LEU A 47 1.90 7.85 20.69
C LEU A 47 2.13 6.40 21.10
N ASN A 48 1.05 5.75 21.55
CA ASN A 48 1.03 4.29 21.69
C ASN A 48 0.56 3.72 20.36
N PHE A 49 1.49 3.24 19.55
CA PHE A 49 1.11 2.76 18.22
C PHE A 49 0.39 1.42 18.26
N LYS A 50 0.23 0.81 19.44
CA LYS A 50 -0.59 -0.38 19.56
C LYS A 50 -2.06 -0.07 19.77
N ASP A 51 -2.40 1.21 19.91
CA ASP A 51 -3.78 1.62 20.11
C ASP A 51 -4.36 1.99 18.75
N PRO A 52 -5.32 1.24 18.21
CA PRO A 52 -5.88 1.57 16.89
C PRO A 52 -6.37 3.01 16.77
N GLU A 53 -6.97 3.55 17.84
CA GLU A 53 -7.46 4.92 17.74
C GLU A 53 -6.32 5.92 17.58
N ALA A 54 -5.17 5.66 18.20
CA ALA A 54 -4.05 6.58 18.10
C ALA A 54 -3.43 6.54 16.71
N VAL A 55 -3.23 5.34 16.16
CA VAL A 55 -2.65 5.23 14.83
CA VAL A 55 -2.62 5.29 14.84
C VAL A 55 -3.59 5.78 13.78
N ARG A 56 -4.90 5.52 13.95
CA ARG A 56 -5.87 6.12 13.02
C ARG A 56 -5.79 7.64 13.09
N ALA A 57 -5.74 8.20 14.30
CA ALA A 57 -5.65 9.66 14.43
C ALA A 57 -4.40 10.19 13.75
N LEU A 58 -3.26 9.50 13.90
CA LEU A 58 -2.05 9.97 13.26
C LEU A 58 -2.18 9.96 11.73
N THR A 59 -2.61 8.83 11.18
CA THR A 59 -2.72 8.76 9.72
C THR A 59 -3.71 9.79 9.18
N CYS A 60 -4.88 9.92 9.81
CA CYS A 60 -5.85 10.90 9.33
C CYS A 60 -5.32 12.32 9.45
N THR A 61 -4.56 12.61 10.51
CA THR A 61 -4.04 13.96 10.71
C THR A 61 -2.91 14.28 9.71
N LEU A 62 -2.01 13.32 9.45
CA LEU A 62 -0.98 13.53 8.44
C LEU A 62 -1.60 13.75 7.07
N LEU A 63 -2.63 12.97 6.72
CA LEU A 63 -3.23 13.15 5.40
C LEU A 63 -3.89 14.51 5.26
N ARG A 64 -4.49 15.02 6.35
CA ARG A 64 -5.08 16.36 6.29
CA ARG A 64 -5.08 16.37 6.30
C ARG A 64 -4.01 17.44 6.24
N GLU A 65 -3.06 17.41 7.18
CA GLU A 65 -2.09 18.49 7.31
C GLU A 65 -1.10 18.54 6.15
N ASP A 66 -0.66 17.37 5.67
CA ASP A 66 0.38 17.34 4.66
C ASP A 66 -0.13 17.14 3.24
N PHE A 67 -1.33 16.62 3.06
CA PHE A 67 -1.87 16.34 1.72
C PHE A 67 -3.22 16.96 1.45
N GLY A 68 -3.85 17.59 2.43
CA GLY A 68 -5.15 18.21 2.22
C GLY A 68 -6.28 17.23 2.02
N LEU A 69 -6.11 16.00 2.49
CA LEU A 69 -7.11 14.94 2.30
C LEU A 69 -7.81 14.67 3.61
N SER A 70 -9.13 14.55 3.57
CA SER A 70 -9.94 14.24 4.74
C SER A 70 -10.44 12.80 4.58
N ILE A 71 -9.99 11.89 5.45
CA ILE A 71 -10.49 10.52 5.31
C ILE A 71 -11.10 10.06 6.62
N ASP A 72 -12.03 9.12 6.46
CA ASP A 72 -12.66 8.44 7.58
CA ASP A 72 -12.69 8.44 7.57
C ASP A 72 -12.46 6.95 7.36
N ILE A 73 -11.96 6.27 8.39
CA ILE A 73 -11.72 4.83 8.28
C ILE A 73 -12.09 4.15 9.59
N PRO A 74 -12.48 2.88 9.50
CA PRO A 74 -12.93 2.14 10.69
C PRO A 74 -11.77 1.48 11.43
N LEU A 75 -12.01 1.24 12.72
CA LEU A 75 -10.99 0.56 13.52
C LEU A 75 -10.91 -0.93 13.23
N GLU A 76 -11.89 -1.47 12.51
CA GLU A 76 -11.98 -2.89 12.23
C GLU A 76 -11.27 -3.29 10.94
N ARG A 77 -10.63 -2.35 10.23
CA ARG A 77 -9.87 -2.67 9.04
C ARG A 77 -8.47 -2.06 9.16
N LEU A 78 -7.61 -2.44 8.22
CA LEU A 78 -6.23 -1.98 8.28
C LEU A 78 -6.16 -0.46 8.32
N ILE A 79 -5.30 0.05 9.20
CA ILE A 79 -4.99 1.49 9.23
CA ILE A 79 -4.99 1.48 9.22
C ILE A 79 -3.68 1.68 8.46
N PRO A 80 -3.71 2.26 7.27
CA PRO A 80 -2.46 2.41 6.51
C PRO A 80 -1.56 3.42 7.17
N THR A 81 -0.27 3.26 6.95
CA THR A 81 0.74 4.18 7.48
C THR A 81 1.30 4.99 6.32
N VAL A 82 1.36 6.30 6.49
CA VAL A 82 1.59 7.16 5.33
C VAL A 82 3.00 7.00 4.75
N PRO A 83 4.09 7.00 5.53
CA PRO A 83 5.42 6.92 4.86
C PRO A 83 5.62 5.67 4.04
N LEU A 84 5.16 4.49 4.52
CA LEU A 84 5.26 3.29 3.70
C LEU A 84 4.51 3.45 2.38
N ARG A 85 3.27 3.92 2.44
CA ARG A 85 2.47 4.01 1.22
C ARG A 85 3.08 5.01 0.25
N LEU A 86 3.64 6.11 0.76
CA LEU A 86 4.33 7.05 -0.11
C LEU A 86 5.56 6.43 -0.77
N ASN A 87 6.30 5.59 -0.04
CA ASN A 87 7.45 4.92 -0.65
C ASN A 87 7.02 4.11 -1.88
N TYR A 88 5.87 3.45 -1.82
CA TYR A 88 5.39 2.71 -2.98
C TYR A 88 4.96 3.64 -4.11
N ILE A 89 4.22 4.72 -3.80
CA ILE A 89 3.82 5.69 -4.83
C ILE A 89 5.06 6.22 -5.55
N HIS A 90 6.10 6.60 -4.79
CA HIS A 90 7.28 7.16 -5.44
C HIS A 90 8.00 6.12 -6.29
N TRP A 91 7.97 4.84 -5.89
CA TRP A 91 8.56 3.82 -6.74
C TRP A 91 7.77 3.65 -8.03
N VAL A 92 6.44 3.72 -7.95
CA VAL A 92 5.63 3.63 -9.17
C VAL A 92 5.94 4.79 -10.10
N GLU A 93 6.10 6.01 -9.55
CA GLU A 93 6.57 7.13 -10.36
C GLU A 93 7.85 6.77 -11.10
N ASP A 94 8.80 6.11 -10.42
CA ASP A 94 10.05 5.72 -11.08
C ASP A 94 9.80 4.70 -12.19
N LEU A 95 8.94 3.71 -11.93
CA LEU A 95 8.67 2.66 -12.89
C LEU A 95 8.12 3.23 -14.19
N ILE A 96 7.08 4.07 -14.09
CA ILE A 96 6.37 4.51 -15.29
C ILE A 96 7.00 5.74 -15.92
N GLY A 97 8.04 6.30 -15.31
CA GLY A 97 8.72 7.45 -15.88
C GLY A 97 7.96 8.75 -15.68
N HIS A 98 7.57 9.02 -14.44
CA HIS A 98 6.85 10.24 -14.09
CA HIS A 98 6.85 10.24 -14.13
C HIS A 98 7.80 11.42 -13.91
N LEU A 106 -1.87 11.62 -19.66
CA LEU A 106 -2.67 11.02 -18.59
C LEU A 106 -2.25 9.59 -18.28
N ARG A 107 -1.96 9.30 -17.01
CA ARG A 107 -1.59 7.97 -16.58
C ARG A 107 -2.75 7.31 -15.84
N ARG A 108 -2.89 6.00 -16.02
CA ARG A 108 -4.00 5.23 -15.47
C ARG A 108 -3.43 4.01 -14.76
N GLY A 109 -3.91 3.76 -13.55
CA GLY A 109 -3.45 2.63 -12.78
C GLY A 109 -4.62 1.83 -12.24
N ILE A 110 -4.29 0.65 -11.73
CA ILE A 110 -5.23 -0.22 -11.04
C ILE A 110 -4.68 -0.49 -9.65
N ASP A 111 -5.51 -0.29 -8.63
CA ASP A 111 -5.15 -0.65 -7.25
C ASP A 111 -6.00 -1.87 -6.88
N ILE A 112 -5.35 -3.02 -6.68
CA ILE A 112 -6.03 -4.26 -6.34
C ILE A 112 -6.16 -4.34 -4.83
N GLY A 113 -7.39 -4.22 -4.32
CA GLY A 113 -7.60 -4.28 -2.87
C GLY A 113 -7.23 -2.97 -2.21
N THR A 114 -8.05 -1.95 -2.46
CA THR A 114 -7.69 -0.58 -2.13
C THR A 114 -7.88 -0.25 -0.65
N GLY A 115 -8.60 -1.08 0.11
CA GLY A 115 -8.79 -0.87 1.53
C GLY A 115 -9.81 0.23 1.83
N ALA A 116 -10.14 0.37 3.12
CA ALA A 116 -11.12 1.39 3.51
C ALA A 116 -10.61 2.81 3.25
N SER A 117 -9.30 3.00 3.27
CA SER A 117 -8.76 4.34 3.09
C SER A 117 -8.69 4.77 1.64
N CYS A 118 -8.67 3.82 0.69
CA CYS A 118 -8.36 4.13 -0.70
C CYS A 118 -7.08 4.96 -0.81
N ILE A 119 -6.07 4.59 -0.01
CA ILE A 119 -4.95 5.53 0.16
C ILE A 119 -4.09 5.62 -1.10
N TYR A 120 -3.84 4.50 -1.81
CA TYR A 120 -3.00 4.62 -3.01
C TYR A 120 -3.68 5.49 -4.05
N PRO A 121 -4.96 5.31 -4.41
CA PRO A 121 -5.58 6.21 -5.39
C PRO A 121 -5.65 7.63 -4.89
N LEU A 122 -5.96 7.86 -3.62
CA LEU A 122 -6.03 9.23 -3.16
C LEU A 122 -4.67 9.92 -3.27
N LEU A 123 -3.58 9.23 -2.86
CA LEU A 123 -2.25 9.82 -2.98
C LEU A 123 -1.85 10.01 -4.44
N GLY A 124 -2.06 8.99 -5.28
CA GLY A 124 -1.65 9.10 -6.68
C GLY A 124 -2.41 10.17 -7.43
N ALA A 125 -3.73 10.27 -7.19
CA ALA A 125 -4.51 11.29 -7.87
C ALA A 125 -4.14 12.69 -7.37
N THR A 126 -3.90 12.83 -6.07
CA THR A 126 -3.57 14.12 -5.48
C THR A 126 -2.17 14.59 -5.91
N LEU A 127 -1.19 13.70 -5.85
CA LEU A 127 0.20 14.07 -6.15
C LEU A 127 0.41 14.26 -7.64
N ASN A 128 -0.16 13.38 -8.47
CA ASN A 128 0.23 13.26 -9.86
C ASN A 128 -0.93 13.34 -10.85
N GLY A 129 -2.17 13.46 -10.36
CA GLY A 129 -3.29 13.49 -11.26
C GLY A 129 -3.57 12.18 -11.96
N TRP A 130 -3.09 11.07 -11.40
CA TRP A 130 -3.32 9.75 -11.98
C TRP A 130 -4.79 9.34 -11.84
N TYR A 131 -5.30 8.68 -12.88
CA TYR A 131 -6.59 7.99 -12.82
CA TYR A 131 -6.59 8.00 -12.80
C TYR A 131 -6.39 6.60 -12.25
N PHE A 132 -7.36 6.14 -11.46
CA PHE A 132 -7.30 4.81 -10.87
C PHE A 132 -8.62 4.06 -11.04
N LEU A 133 -8.50 2.79 -11.37
CA LEU A 133 -9.53 1.80 -11.09
C LEU A 133 -9.14 1.12 -9.78
N ALA A 134 -9.98 1.25 -8.75
CA ALA A 134 -9.64 0.78 -7.41
C ALA A 134 -10.65 -0.30 -7.03
N THR A 135 -10.17 -1.52 -6.78
CA THR A 135 -11.07 -2.63 -6.54
C THR A 135 -11.06 -3.06 -5.09
N GLU A 136 -12.18 -3.65 -4.67
CA GLU A 136 -12.27 -4.12 -3.29
C GLU A 136 -13.24 -5.29 -3.24
N VAL A 137 -12.96 -6.25 -2.36
CA VAL A 137 -13.84 -7.41 -2.17
C VAL A 137 -14.70 -7.31 -0.92
N ASP A 138 -14.33 -6.46 0.03
CA ASP A 138 -14.98 -6.40 1.33
C ASP A 138 -15.99 -5.26 1.36
N ASP A 139 -17.21 -5.55 1.82
CA ASP A 139 -18.27 -4.53 1.85
C ASP A 139 -17.87 -3.31 2.65
N MET A 140 -17.34 -3.51 3.87
CA MET A 140 -16.96 -2.36 4.69
C MET A 140 -15.89 -1.52 4.01
N CYS A 141 -14.82 -2.17 3.53
CA CYS A 141 -13.76 -1.41 2.85
C CYS A 141 -14.30 -0.68 1.63
N PHE A 142 -15.18 -1.34 0.87
CA PHE A 142 -15.72 -0.72 -0.34
C PHE A 142 -16.53 0.53 -0.02
N ASN A 143 -17.39 0.45 1.00
CA ASN A 143 -18.21 1.59 1.38
C ASN A 143 -17.36 2.76 1.87
N TYR A 144 -16.35 2.49 2.69
CA TYR A 144 -15.48 3.56 3.16
C TYR A 144 -14.64 4.14 2.03
N ALA A 145 -14.16 3.28 1.13
CA ALA A 145 -13.34 3.77 0.03
C ALA A 145 -14.14 4.71 -0.86
N LYS A 146 -15.37 4.33 -1.18
CA LYS A 146 -16.25 5.18 -1.98
CA LYS A 146 -16.23 5.18 -1.98
C LYS A 146 -16.45 6.53 -1.32
N LYS A 147 -16.74 6.52 -0.01
CA LYS A 147 -16.98 7.77 0.72
C LYS A 147 -15.74 8.64 0.75
N ASN A 148 -14.57 8.04 0.91
CA ASN A 148 -13.35 8.82 0.98
C ASN A 148 -13.01 9.46 -0.36
N VAL A 149 -13.28 8.76 -1.47
CA VAL A 149 -13.12 9.38 -2.79
C VAL A 149 -14.09 10.53 -2.96
N GLU A 150 -15.36 10.32 -2.56
CA GLU A 150 -16.37 11.35 -2.78
C GLU A 150 -16.12 12.59 -1.93
N GLN A 151 -15.69 12.41 -0.68
CA GLN A 151 -15.56 13.57 0.19
C GLN A 151 -14.31 14.39 -0.14
N ASN A 152 -13.40 13.85 -0.94
CA ASN A 152 -12.25 14.58 -1.40
C ASN A 152 -12.41 15.01 -2.86
N ASN A 153 -13.62 14.85 -3.41
CA ASN A 153 -13.99 15.35 -4.74
C ASN A 153 -13.10 14.77 -5.83
N LEU A 154 -12.79 13.47 -5.72
CA LEU A 154 -11.89 12.82 -6.66
C LEU A 154 -12.58 11.76 -7.51
N SER A 155 -13.92 11.77 -7.57
CA SER A 155 -14.65 10.77 -8.32
C SER A 155 -14.34 10.79 -9.82
N ASP A 156 -13.88 11.92 -10.36
CA ASP A 156 -13.53 11.95 -11.78
C ASP A 156 -12.25 11.19 -12.06
N LEU A 157 -11.36 11.10 -11.07
CA LEU A 157 -10.08 10.43 -11.22
C LEU A 157 -10.07 9.01 -10.69
N ILE A 158 -10.94 8.67 -9.74
CA ILE A 158 -10.86 7.37 -9.07
C ILE A 158 -12.22 6.68 -9.16
N LYS A 159 -12.24 5.49 -9.74
CA LYS A 159 -13.44 4.67 -9.83
CA LYS A 159 -13.44 4.67 -9.83
C LYS A 159 -13.28 3.48 -8.90
N VAL A 160 -14.08 3.43 -7.83
CA VAL A 160 -14.05 2.34 -6.87
C VAL A 160 -15.08 1.29 -7.29
N VAL A 161 -14.65 0.02 -7.39
CA VAL A 161 -15.53 -1.06 -7.82
C VAL A 161 -15.45 -2.23 -6.85
N LYS A 162 -16.62 -2.84 -6.61
CA LYS A 162 -16.72 -4.05 -5.81
C LYS A 162 -16.60 -5.27 -6.72
N VAL A 163 -15.68 -6.17 -6.38
CA VAL A 163 -15.42 -7.36 -7.19
C VAL A 163 -15.52 -8.58 -6.30
N PRO A 164 -15.74 -9.76 -6.87
CA PRO A 164 -15.82 -10.97 -6.05
C PRO A 164 -14.46 -11.49 -5.59
N GLN A 165 -13.41 -11.19 -6.36
CA GLN A 165 -12.07 -11.70 -6.07
C GLN A 165 -11.03 -10.62 -6.32
N LYS A 166 -9.94 -10.67 -5.57
CA LYS A 166 -8.78 -9.82 -5.84
C LYS A 166 -8.00 -10.45 -6.99
N THR A 167 -8.15 -9.87 -8.18
CA THR A 167 -7.59 -10.44 -9.40
C THR A 167 -7.51 -9.33 -10.44
N LEU A 168 -6.59 -9.50 -11.39
CA LEU A 168 -6.58 -8.59 -12.54
C LEU A 168 -7.58 -8.97 -13.61
N LEU A 169 -8.08 -10.21 -13.60
CA LEU A 169 -9.03 -10.68 -14.61
C LEU A 169 -10.44 -10.23 -14.22
N MET A 170 -10.75 -8.98 -14.57
CA MET A 170 -12.01 -8.37 -14.19
C MET A 170 -12.81 -7.94 -15.40
N ASP A 171 -14.13 -7.84 -15.20
CA ASP A 171 -15.01 -7.40 -16.29
C ASP A 171 -14.80 -5.92 -16.60
N ALA A 172 -14.48 -5.12 -15.58
CA ALA A 172 -14.25 -3.69 -15.73
C ALA A 172 -13.15 -3.41 -16.75
N LEU A 173 -12.42 -4.44 -17.15
CA LEU A 173 -11.42 -4.33 -18.18
C LEU A 173 -12.03 -4.61 -19.55
N SER A 177 -12.01 -2.39 -22.88
CA SER A 177 -11.16 -3.50 -23.27
C SER A 177 -9.96 -3.03 -24.09
N GLU A 178 -10.01 -1.78 -24.55
CA GLU A 178 -8.93 -1.21 -25.37
C GLU A 178 -8.08 -0.20 -24.63
N ILE A 179 -8.46 0.20 -23.41
CA ILE A 179 -7.64 1.13 -22.64
C ILE A 179 -6.42 0.40 -22.13
N ILE A 180 -5.24 0.98 -22.38
CA ILE A 180 -3.98 0.44 -21.86
C ILE A 180 -3.66 1.16 -20.56
N TYR A 181 -3.49 0.39 -19.49
CA TYR A 181 -3.13 0.94 -18.20
C TYR A 181 -1.62 1.06 -18.07
N ASP A 182 -1.19 2.07 -17.31
CA ASP A 182 0.23 2.25 -17.09
C ASP A 182 0.78 1.31 -16.02
N PHE A 183 -0.02 0.97 -15.01
CA PHE A 183 0.51 0.17 -13.92
C PHE A 183 -0.63 -0.45 -13.14
N CYS A 184 -0.28 -1.48 -12.35
CA CYS A 184 -1.11 -1.89 -11.24
C CYS A 184 -0.26 -1.86 -9.99
N MET A 185 -0.91 -1.68 -8.85
CA MET A 185 -0.23 -1.80 -7.58
C MET A 185 -1.13 -2.59 -6.65
N CYS A 186 -0.52 -3.18 -5.64
CA CYS A 186 -1.33 -3.95 -4.71
CA CYS A 186 -1.28 -4.09 -4.78
C CYS A 186 -0.52 -4.30 -3.48
N ASN A 187 -1.24 -4.28 -2.36
CA ASN A 187 -0.76 -4.76 -1.07
C ASN A 187 -1.40 -6.11 -0.88
N PRO A 188 -0.71 -7.22 -1.17
CA PRO A 188 -1.34 -8.51 -1.07
C PRO A 188 -1.49 -8.93 0.38
N PRO A 189 -2.46 -9.79 0.70
CA PRO A 189 -2.52 -10.34 2.06
C PRO A 189 -1.24 -11.12 2.35
N PHE A 190 -0.57 -10.76 3.44
CA PHE A 190 0.76 -11.34 3.68
C PHE A 190 0.66 -12.82 4.06
N PHE A 191 -0.38 -13.21 4.79
CA PHE A 191 -0.34 -14.42 5.61
C PHE A 191 -1.22 -15.52 5.05
N ALA A 192 -0.79 -16.77 5.31
CA ALA A 192 -1.51 -17.94 4.83
C ALA A 192 -2.43 -18.55 5.87
N ASN A 193 -2.19 -18.31 7.15
CA ASN A 193 -2.94 -18.99 8.21
C ASN A 193 -2.94 -18.12 9.46
N GLN A 194 -3.44 -18.70 10.56
CA GLN A 194 -3.67 -17.93 11.78
C GLN A 194 -2.40 -17.80 12.61
N LEU A 195 -1.55 -18.84 12.61
CA LEU A 195 -0.27 -18.71 13.28
C LEU A 195 0.58 -17.62 12.64
N GLU A 196 0.59 -17.53 11.30
CA GLU A 196 1.32 -16.45 10.64
C GLU A 196 0.74 -15.10 11.01
N ALA A 197 -0.59 -14.97 10.94
CA ALA A 197 -1.19 -13.67 11.26
C ALA A 197 -0.90 -13.25 12.70
N LYS A 198 -0.76 -14.21 13.63
CA LYS A 198 -0.42 -13.92 15.02
C LYS A 198 1.05 -13.64 15.24
N GLY A 199 1.91 -13.95 14.28
CA GLY A 199 3.32 -13.61 14.37
C GLY A 199 4.10 -14.47 15.33
N VAL A 200 3.65 -15.70 15.56
CA VAL A 200 4.22 -16.56 16.60
C VAL A 200 5.24 -17.55 16.05
N ASN A 201 5.50 -17.56 14.74
CA ASN A 201 6.48 -18.49 14.18
C ASN A 201 7.87 -17.90 14.38
N SER A 202 8.41 -18.14 15.58
CA SER A 202 9.68 -17.55 16.00
C SER A 202 10.58 -18.63 16.58
N ARG A 203 11.89 -18.44 16.46
CA ARG A 203 12.83 -19.36 17.09
C ARG A 203 12.67 -19.37 18.60
N ASN A 204 12.56 -18.19 19.20
CA ASN A 204 12.53 -18.02 20.65
C ASN A 204 11.19 -17.42 21.07
N PRO A 205 10.48 -18.04 22.00
CA PRO A 205 9.19 -17.48 22.44
C PRO A 205 9.27 -16.07 23.00
N ARG A 206 10.43 -15.64 23.49
CA ARG A 206 10.54 -14.33 24.10
C ARG A 206 10.98 -13.25 23.11
N ARG A 207 10.96 -13.54 21.81
CA ARG A 207 11.16 -12.51 20.80
C ARG A 207 10.28 -11.30 21.10
N PRO A 208 10.82 -10.08 21.07
CA PRO A 208 10.03 -8.92 21.42
C PRO A 208 8.84 -8.78 20.49
N PRO A 209 7.72 -8.28 20.99
CA PRO A 209 6.55 -8.06 20.12
C PRO A 209 6.71 -6.80 19.30
N PRO A 210 5.85 -6.57 18.31
CA PRO A 210 5.92 -5.35 17.50
C PRO A 210 5.48 -4.12 18.29
N SER A 211 5.78 -2.95 17.72
CA SER A 211 5.30 -1.70 18.29
C SER A 211 3.96 -1.27 17.70
N SER A 212 3.51 -1.92 16.62
CA SER A 212 2.30 -1.62 15.89
C SER A 212 1.18 -2.62 16.26
N VAL A 213 0.05 -2.49 15.59
CA VAL A 213 -1.03 -3.38 15.75
C VAL A 213 -1.62 -3.66 14.35
N ASN A 214 -2.14 -4.88 14.12
CA ASN A 214 -2.71 -5.29 12.85
C ASN A 214 -4.24 -5.33 13.02
N THR A 215 -4.92 -4.31 12.50
CA THR A 215 -6.37 -4.25 12.59
C THR A 215 -7.05 -4.74 11.31
N GLY A 216 -6.30 -5.38 10.41
CA GLY A 216 -6.83 -5.71 9.10
C GLY A 216 -7.97 -6.70 9.14
N GLY A 217 -8.88 -6.55 8.17
CA GLY A 217 -9.92 -7.55 7.95
C GLY A 217 -9.35 -8.82 7.32
N ILE A 218 -10.15 -9.88 7.35
CA ILE A 218 -9.62 -11.18 6.92
C ILE A 218 -9.21 -11.17 5.44
N THR A 219 -9.92 -10.45 4.59
CA THR A 219 -9.50 -10.43 3.19
C THR A 219 -8.36 -9.46 2.93
N GLU A 220 -8.04 -8.60 3.90
CA GLU A 220 -6.86 -7.74 3.80
C GLU A 220 -5.57 -8.45 4.18
N ILE A 221 -5.63 -9.39 5.12
CA ILE A 221 -4.40 -9.90 5.72
C ILE A 221 -4.15 -11.38 5.48
N MET A 222 -5.13 -12.17 5.07
CA MET A 222 -4.89 -13.59 4.82
C MET A 222 -5.39 -13.98 3.44
N ALA A 223 -4.71 -14.97 2.85
CA ALA A 223 -5.11 -15.51 1.56
C ALA A 223 -4.68 -16.96 1.51
N GLU A 224 -5.34 -17.73 0.65
CA GLU A 224 -4.94 -19.11 0.45
C GLU A 224 -3.52 -19.15 -0.07
N GLY A 225 -2.63 -19.79 0.70
CA GLY A 225 -1.23 -19.85 0.34
C GLY A 225 -0.42 -18.62 0.64
N GLY A 226 -1.00 -17.62 1.29
CA GLY A 226 -0.26 -16.43 1.68
C GLY A 226 0.10 -15.58 0.47
N GLU A 227 0.98 -14.60 0.70
CA GLU A 227 1.33 -13.69 -0.39
C GLU A 227 2.05 -14.43 -1.51
N LEU A 228 2.76 -15.51 -1.20
CA LEU A 228 3.46 -16.25 -2.25
C LEU A 228 2.46 -16.76 -3.29
N GLU A 229 1.40 -17.43 -2.84
CA GLU A 229 0.44 -17.94 -3.82
C GLU A 229 -0.43 -16.84 -4.39
N PHE A 230 -0.74 -15.81 -3.60
CA PHE A 230 -1.50 -14.68 -4.11
C PHE A 230 -0.77 -13.99 -5.26
N VAL A 231 0.52 -13.73 -5.09
CA VAL A 231 1.24 -13.03 -6.15
C VAL A 231 1.45 -13.94 -7.36
N LYS A 232 1.61 -15.24 -7.15
CA LYS A 232 1.66 -16.17 -8.28
C LYS A 232 0.40 -16.08 -9.12
N ARG A 233 -0.77 -15.92 -8.48
CA ARG A 233 -2.00 -15.74 -9.25
C ARG A 233 -1.99 -14.44 -10.02
N ILE A 234 -1.46 -13.36 -9.43
CA ILE A 234 -1.33 -12.11 -10.16
C ILE A 234 -0.40 -12.29 -11.36
N ILE A 235 0.70 -13.03 -11.18
CA ILE A 235 1.61 -13.29 -12.30
C ILE A 235 0.89 -14.02 -13.41
N HIS A 236 0.11 -15.05 -13.06
CA HIS A 236 -0.59 -15.80 -14.11
C HIS A 236 -1.68 -14.97 -14.77
N ASP A 237 -2.33 -14.06 -14.02
CA ASP A 237 -3.20 -13.07 -14.66
C ASP A 237 -2.42 -12.23 -15.65
N SER A 238 -1.21 -11.80 -15.27
CA SER A 238 -0.42 -10.94 -16.16
C SER A 238 -0.02 -11.67 -17.43
N LEU A 239 0.09 -13.01 -17.38
CA LEU A 239 0.43 -13.76 -18.59
C LEU A 239 -0.69 -13.75 -19.61
N GLN A 240 -1.94 -13.50 -19.18
CA GLN A 240 -3.04 -13.38 -20.12
C GLN A 240 -3.21 -11.95 -20.63
N LEU A 241 -2.97 -10.96 -19.77
CA LEU A 241 -3.16 -9.57 -20.16
C LEU A 241 -1.96 -9.04 -20.94
N LYS A 242 -0.75 -9.47 -20.59
CA LYS A 242 0.50 -9.01 -21.19
C LYS A 242 0.56 -7.49 -21.38
N LYS A 243 0.38 -7.01 -22.61
CA LYS A 243 0.58 -5.59 -22.87
C LYS A 243 -0.61 -4.70 -22.49
N ARG A 244 -1.69 -5.27 -21.94
CA ARG A 244 -2.79 -4.42 -21.51
CA ARG A 244 -2.80 -4.44 -21.48
C ARG A 244 -2.36 -3.48 -20.39
N LEU A 245 -1.37 -3.86 -19.60
CA LEU A 245 -0.77 -3.01 -18.58
C LEU A 245 0.72 -2.90 -18.88
N ARG A 246 1.27 -1.69 -18.72
CA ARG A 246 2.69 -1.51 -18.98
C ARG A 246 3.53 -2.13 -17.88
N TRP A 247 3.24 -1.82 -16.62
CA TRP A 247 3.97 -2.35 -15.48
C TRP A 247 3.01 -3.05 -14.54
N TYR A 248 3.39 -4.25 -14.11
CA TYR A 248 2.73 -4.94 -13.00
C TYR A 248 3.59 -4.78 -11.76
N SER A 249 2.94 -4.54 -10.61
CA SER A 249 3.73 -4.47 -9.38
C SER A 249 2.91 -4.97 -8.20
N CYS A 250 3.63 -5.44 -7.18
CA CYS A 250 3.03 -5.88 -5.94
CA CYS A 250 3.04 -5.92 -5.94
CA CYS A 250 3.01 -5.82 -5.93
C CYS A 250 4.01 -5.66 -4.79
N MET A 251 3.50 -5.17 -3.66
CA MET A 251 4.32 -5.16 -2.46
CA MET A 251 4.31 -5.16 -2.45
C MET A 251 4.46 -6.57 -1.91
N LEU A 252 5.55 -6.82 -1.19
CA LEU A 252 5.76 -8.08 -0.48
C LEU A 252 6.01 -7.78 0.98
N GLY A 253 5.28 -8.45 1.87
CA GLY A 253 5.47 -8.22 3.28
C GLY A 253 6.62 -9.01 3.87
N LYS A 254 7.00 -10.10 3.20
CA LYS A 254 8.06 -10.97 3.71
C LYS A 254 9.25 -11.09 2.78
N LYS A 255 10.42 -10.89 3.32
CA LYS A 255 11.63 -10.98 2.48
C LYS A 255 11.74 -12.33 1.79
N CYS A 256 11.29 -13.40 2.45
CA CYS A 256 11.45 -14.73 1.88
C CYS A 256 10.55 -14.99 0.68
N SER A 257 9.61 -14.07 0.36
CA SER A 257 8.78 -14.21 -0.83
C SER A 257 9.49 -13.78 -2.12
N LEU A 258 10.53 -12.96 -2.01
CA LEU A 258 11.07 -12.30 -3.20
C LEU A 258 11.73 -13.30 -4.14
N ALA A 259 12.67 -14.10 -3.64
CA ALA A 259 13.37 -15.04 -4.51
C ALA A 259 12.44 -16.03 -5.19
N PRO A 260 11.49 -16.70 -4.50
CA PRO A 260 10.61 -17.63 -5.24
C PRO A 260 9.75 -16.95 -6.27
N LEU A 261 9.33 -15.70 -6.03
CA LEU A 261 8.49 -15.02 -7.02
C LEU A 261 9.31 -14.56 -8.23
N LYS A 262 10.54 -14.11 -8.02
CA LYS A 262 11.39 -13.82 -9.17
C LYS A 262 11.65 -15.08 -9.99
N GLU A 263 11.77 -16.24 -9.33
CA GLU A 263 12.00 -17.46 -10.09
C GLU A 263 10.75 -17.89 -10.83
N GLU A 264 9.55 -17.61 -10.30
CA GLU A 264 8.34 -17.89 -11.06
C GLU A 264 8.26 -17.02 -12.31
N LEU A 265 8.63 -15.75 -12.19
CA LEU A 265 8.64 -14.88 -13.37
C LEU A 265 9.64 -15.38 -14.41
N ARG A 266 10.78 -15.90 -13.96
CA ARG A 266 11.80 -16.35 -14.90
C ARG A 266 11.36 -17.63 -15.62
N ILE A 267 10.75 -18.57 -14.89
CA ILE A 267 10.29 -19.81 -15.50
C ILE A 267 9.16 -19.55 -16.49
N GLN A 268 8.35 -18.53 -16.24
CA GLN A 268 7.27 -18.16 -17.15
C GLN A 268 7.75 -17.26 -18.29
N GLY A 269 9.02 -16.89 -18.30
CA GLY A 269 9.57 -16.14 -19.41
C GLY A 269 9.26 -14.66 -19.44
N VAL A 270 9.07 -14.04 -18.29
CA VAL A 270 8.81 -12.60 -18.26
C VAL A 270 10.12 -11.85 -18.46
N PRO A 271 10.22 -10.96 -19.44
CA PRO A 271 11.53 -10.42 -19.85
C PRO A 271 12.11 -9.36 -18.93
N LYS A 272 11.29 -8.49 -18.35
CA LYS A 272 11.75 -7.37 -17.56
C LYS A 272 11.22 -7.50 -16.14
N VAL A 273 12.13 -7.52 -15.17
CA VAL A 273 11.79 -7.77 -13.77
C VAL A 273 12.68 -6.92 -12.89
N THR A 274 12.11 -6.24 -11.90
CA THR A 274 12.96 -5.57 -10.93
C THR A 274 12.24 -5.55 -9.58
N TYR A 275 12.93 -5.02 -8.57
CA TYR A 275 12.39 -5.05 -7.22
C TYR A 275 12.99 -3.88 -6.43
N THR A 276 12.43 -3.63 -5.25
CA THR A 276 12.99 -2.58 -4.41
C THR A 276 12.68 -2.92 -2.96
N GLU A 277 13.26 -2.12 -2.06
CA GLU A 277 12.97 -2.14 -0.62
C GLU A 277 12.29 -0.84 -0.24
N PHE A 278 11.25 -0.94 0.60
CA PHE A 278 10.60 0.23 1.20
C PHE A 278 11.08 0.32 2.64
N CYS A 279 11.82 1.39 2.96
CA CYS A 279 12.43 1.56 4.26
C CYS A 279 11.75 2.70 4.99
N GLN A 280 11.23 2.40 6.18
CA GLN A 280 10.60 3.36 7.07
C GLN A 280 10.58 2.71 8.45
N GLY A 281 11.05 3.43 9.46
CA GLY A 281 11.13 2.76 10.76
C GLY A 281 12.01 1.52 10.74
N ARG A 282 11.63 0.53 11.55
CA ARG A 282 12.26 -0.78 11.64
C ARG A 282 11.69 -1.81 10.68
N THR A 283 10.42 -1.67 10.32
CA THR A 283 9.77 -2.66 9.47
C THR A 283 10.13 -2.35 8.02
N MET A 284 10.77 -3.29 7.34
CA MET A 284 11.04 -3.13 5.91
C MET A 284 9.95 -3.86 5.13
N ARG A 285 9.60 -3.33 3.96
CA ARG A 285 8.78 -4.07 3.02
C ARG A 285 9.56 -4.12 1.71
N TRP A 286 9.09 -4.98 0.81
CA TRP A 286 9.75 -5.17 -0.49
C TRP A 286 8.69 -5.02 -1.56
N ALA A 287 9.12 -4.94 -2.82
CA ALA A 287 8.12 -4.90 -3.87
C ALA A 287 8.77 -5.44 -5.14
N LEU A 288 7.92 -6.01 -5.99
CA LEU A 288 8.34 -6.68 -7.21
C LEU A 288 7.58 -6.08 -8.37
N ALA A 289 8.25 -5.84 -9.50
CA ALA A 289 7.57 -5.29 -10.67
C ALA A 289 8.08 -5.96 -11.94
N TRP A 290 7.19 -6.06 -12.95
CA TRP A 290 7.59 -6.72 -14.19
C TRP A 290 6.80 -6.15 -15.37
N SER A 291 7.36 -6.36 -16.57
CA SER A 291 6.76 -5.79 -17.77
C SER A 291 7.04 -6.70 -18.96
N PHE A 292 6.11 -6.69 -19.92
CA PHE A 292 6.28 -7.36 -21.21
C PHE A 292 6.63 -6.40 -22.34
N TYR A 293 6.74 -5.10 -22.06
CA TYR A 293 7.05 -4.12 -23.09
C TYR A 293 8.56 -4.07 -23.37
N ASP A 294 8.91 -3.79 -24.63
CA ASP A 294 10.32 -3.62 -24.96
C ASP A 294 10.81 -2.19 -24.77
N ASP A 295 9.90 -1.21 -24.74
CA ASP A 295 10.31 0.19 -24.69
C ASP A 295 10.78 0.60 -23.30
N VAL A 296 10.15 0.09 -22.24
CA VAL A 296 10.25 0.70 -20.93
C VAL A 296 11.67 0.59 -20.36
N THR A 297 12.07 1.62 -19.64
CA THR A 297 13.30 1.59 -18.85
C THR A 297 13.02 0.90 -17.51
N VAL A 298 13.97 0.09 -17.05
CA VAL A 298 13.80 -0.71 -15.84
C VAL A 298 14.60 -0.06 -14.72
N PRO A 299 13.96 0.39 -13.63
CA PRO A 299 14.71 0.98 -12.51
C PRO A 299 15.57 -0.06 -11.82
N SER A 300 16.76 0.35 -11.40
CA SER A 300 17.71 -0.55 -10.78
C SER A 300 17.24 -0.95 -9.37
N PRO A 301 17.47 -2.18 -8.95
CA PRO A 301 17.21 -2.57 -7.56
C PRO A 301 18.25 -1.94 -6.65
N PRO A 302 18.02 -1.99 -5.34
CA PRO A 302 19.02 -1.45 -4.39
C PRO A 302 20.37 -2.13 -4.56
N SER A 303 21.43 -1.36 -4.31
CA SER A 303 22.79 -1.87 -4.46
C SER A 303 23.07 -2.98 -3.46
N LYS A 304 23.90 -3.93 -3.89
CA LYS A 304 24.31 -5.10 -3.13
C LYS A 304 24.55 -4.83 -1.65
#